data_3B1X
#
_entry.id   3B1X
#
_cell.length_a   48.7
_cell.length_b   74.4
_cell.length_c   156.1
_cell.angle_alpha   90.000
_cell.angle_beta   90.000
_cell.angle_gamma   90.000
#
_symmetry.space_group_name_H-M   'P 21 21 21'
#
loop_
_entity.id
_entity.type
_entity.pdbx_description
1 polymer 'Ferrous iron uptake transporter protein B'
2 non-polymer 'PHOSPHOAMINOPHOSPHONIC ACID-GUANYLATE ESTER'
3 non-polymer 'MAGNESIUM ION'
4 water water
#
_entity_poly.entity_id   1
_entity_poly.type   'polypeptide(L)'
_entity_poly.pdbx_seq_one_letter_code
;GSMTEIALIGNPNSGKTSLFNLITGHNQRVGNWPGVTVERKSGLVKKNKDLEIQDLPGIYSMSPYSPAEKVARDYLLSQR
ADSILNVVDATNLERNLYLTTQLIETGIPVTIALNMIDVLDGQGKKINVDKLSYHLGVPVVATSALKQTGVDQVVKKAAH
TTTSTVGDLAFPIYDDRLEAAISQILEVLGNSVPQRSARFYAIKLFEQDSLVEAELDLSQFQRKEIEDIIRITEEIFTED
AESIVINERYAFIERVCQMAESHTEDFALTLS
;
_entity_poly.pdbx_strand_id   A,B
#
loop_
_chem_comp.id
_chem_comp.type
_chem_comp.name
_chem_comp.formula
GNP non-polymer 'PHOSPHOAMINOPHOSPHONIC ACID-GUANYLATE ESTER' 'C10 H17 N6 O13 P3'
MG non-polymer 'MAGNESIUM ION' 'Mg 2'
#
# COMPACT_ATOMS: atom_id res chain seq x y z
N MET A 3 -41.32 0.01 9.92
CA MET A 3 -39.94 0.13 10.46
C MET A 3 -38.89 -0.08 9.37
N THR A 4 -38.23 1.01 8.97
CA THR A 4 -37.18 0.98 7.94
C THR A 4 -35.84 0.58 8.58
N GLU A 5 -35.15 -0.35 7.93
CA GLU A 5 -33.93 -0.95 8.44
C GLU A 5 -32.67 -0.55 7.66
N ILE A 6 -31.78 0.21 8.32
CA ILE A 6 -30.50 0.65 7.74
C ILE A 6 -29.31 -0.10 8.36
N ALA A 7 -28.47 -0.69 7.51
CA ALA A 7 -27.29 -1.42 7.97
C ALA A 7 -26.01 -0.61 7.73
N LEU A 8 -25.18 -0.48 8.77
CA LEU A 8 -23.90 0.19 8.65
C LEU A 8 -22.82 -0.80 8.20
N ILE A 9 -22.39 -0.65 6.95
CA ILE A 9 -21.41 -1.55 6.34
C ILE A 9 -20.16 -0.78 5.89
N GLY A 10 -19.01 -1.41 6.03
CA GLY A 10 -17.74 -0.84 5.60
C GLY A 10 -16.58 -1.48 6.32
N ASN A 11 -15.38 -1.19 5.82
CA ASN A 11 -14.11 -1.66 6.39
C ASN A 11 -13.99 -1.41 7.89
N PRO A 12 -13.24 -2.28 8.62
CA PRO A 12 -12.98 -1.96 10.02
C PRO A 12 -12.13 -0.68 10.13
N ASN A 13 -12.36 0.10 11.19
CA ASN A 13 -11.62 1.36 11.45
C ASN A 13 -12.04 2.51 10.51
N SER A 14 -13.22 2.37 9.88
CA SER A 14 -13.77 3.37 8.97
C SER A 14 -14.65 4.42 9.66
N GLY A 15 -15.21 4.07 10.82
CA GLY A 15 -15.98 5.02 11.62
C GLY A 15 -17.47 4.79 11.70
N LYS A 16 -17.89 3.53 11.60
CA LYS A 16 -19.31 3.15 11.62
C LYS A 16 -19.99 3.40 12.97
N THR A 17 -19.35 2.97 14.05
CA THR A 17 -19.87 3.13 15.42
C THR A 17 -19.89 4.61 15.83
N SER A 18 -18.84 5.34 15.44
CA SER A 18 -18.73 6.77 15.68
C SER A 18 -19.96 7.48 15.11
N LEU A 19 -20.33 7.08 13.89
CA LEU A 19 -21.53 7.58 13.22
C LEU A 19 -22.79 7.07 13.93
N PHE A 20 -22.79 5.78 14.27
CA PHE A 20 -23.91 5.15 14.97
C PHE A 20 -24.29 5.92 16.24
N ASN A 21 -23.28 6.24 17.06
CA ASN A 21 -23.47 6.98 18.31
C ASN A 21 -24.11 8.36 18.13
N LEU A 22 -23.72 9.08 17.08
CA LEU A 22 -24.28 10.38 16.74
C LEU A 22 -25.74 10.31 16.30
N ILE A 23 -26.03 9.32 15.46
CA ILE A 23 -27.35 9.09 14.88
C ILE A 23 -28.39 8.63 15.93
N THR A 24 -27.96 7.73 16.81
CA THR A 24 -28.84 7.10 17.80
C THR A 24 -28.83 7.75 19.18
N GLY A 25 -27.67 8.28 19.59
CA GLY A 25 -27.52 8.87 20.92
C GLY A 25 -26.78 7.93 21.86
N HIS A 26 -26.43 6.76 21.34
CA HIS A 26 -25.72 5.72 22.08
C HIS A 26 -24.25 6.09 22.36
N ASN A 27 -23.59 5.26 23.15
CA ASN A 27 -22.18 5.41 23.44
C ASN A 27 -21.50 4.05 23.32
N GLN A 28 -21.63 3.46 22.15
CA GLN A 28 -21.05 2.15 21.84
C GLN A 28 -19.54 2.31 21.64
N ARG A 29 -18.82 1.21 21.88
CA ARG A 29 -17.35 1.20 21.87
C ARG A 29 -16.77 1.62 20.52
N VAL A 30 -15.91 2.63 20.60
CA VAL A 30 -15.23 3.27 19.48
C VAL A 30 -13.74 3.28 19.81
N GLY A 31 -12.94 2.66 18.94
CA GLY A 31 -11.49 2.61 19.10
C GLY A 31 -10.76 2.85 17.80
N ASN A 32 -9.54 3.39 17.90
CA ASN A 32 -8.73 3.76 16.73
C ASN A 32 -7.86 2.62 16.15
N TRP A 33 -8.44 1.42 16.14
CA TRP A 33 -7.79 0.22 15.59
C TRP A 33 -8.87 -0.69 14.95
N PRO A 34 -8.52 -1.42 13.87
CA PRO A 34 -9.49 -2.35 13.26
C PRO A 34 -9.98 -3.47 14.19
N GLY A 35 -11.30 -3.71 14.17
CA GLY A 35 -11.91 -4.82 14.93
C GLY A 35 -12.45 -4.54 16.33
N VAL A 36 -13.08 -3.39 16.51
CA VAL A 36 -13.66 -3.01 17.81
C VAL A 36 -15.04 -3.66 18.05
N THR A 37 -15.99 -3.40 17.15
CA THR A 37 -17.34 -3.98 17.20
C THR A 37 -17.28 -5.46 16.87
N VAL A 38 -17.91 -6.28 17.71
CA VAL A 38 -17.87 -7.74 17.51
C VAL A 38 -19.25 -8.39 17.32
N GLU A 39 -20.31 -7.58 17.47
CA GLU A 39 -21.69 -8.06 17.30
C GLU A 39 -22.62 -6.95 16.80
N ARG A 40 -23.82 -7.33 16.39
CA ARG A 40 -24.84 -6.39 15.93
C ARG A 40 -25.38 -5.56 17.11
N LYS A 41 -25.56 -4.27 16.87
CA LYS A 41 -26.19 -3.35 17.81
C LYS A 41 -27.22 -2.48 17.08
N SER A 42 -28.47 -2.56 17.52
CA SER A 42 -29.57 -1.79 16.96
C SER A 42 -29.84 -0.53 17.76
N GLY A 43 -30.37 0.49 17.08
CA GLY A 43 -30.77 1.75 17.69
C GLY A 43 -31.69 2.49 16.75
N LEU A 44 -32.55 3.34 17.32
CA LEU A 44 -33.44 4.17 16.51
C LEU A 44 -32.71 5.45 16.13
N VAL A 45 -33.03 5.96 14.94
CA VAL A 45 -32.51 7.24 14.46
C VAL A 45 -33.31 8.32 15.17
N LYS A 46 -32.62 9.19 15.90
CA LYS A 46 -33.23 10.23 16.75
C LYS A 46 -34.19 11.21 16.08
N LYS A 47 -33.82 11.73 14.91
CA LYS A 47 -34.60 12.80 14.25
C LYS A 47 -35.85 12.27 13.49
N ASN A 48 -35.83 10.97 13.17
N ASN A 48 -35.84 10.98 13.17
CA ASN A 48 -36.95 10.27 12.57
CA ASN A 48 -36.99 10.29 12.59
C ASN A 48 -36.97 8.85 13.13
C ASN A 48 -37.01 8.85 13.09
N LYS A 49 -37.78 8.65 14.17
CA LYS A 49 -37.87 7.37 14.90
C LYS A 49 -38.35 6.11 14.14
N ASP A 50 -39.00 6.32 12.98
CA ASP A 50 -39.45 5.23 12.10
C ASP A 50 -38.28 4.36 11.56
N LEU A 51 -37.08 4.92 11.64
CA LEU A 51 -35.84 4.30 11.17
C LEU A 51 -35.05 3.60 12.26
N GLU A 52 -34.66 2.36 11.95
CA GLU A 52 -33.82 1.57 12.83
C GLU A 52 -32.49 1.35 12.11
N ILE A 53 -31.40 1.69 12.79
CA ILE A 53 -30.05 1.56 12.25
C ILE A 53 -29.28 0.47 13.01
N GLN A 54 -28.48 -0.29 12.26
CA GLN A 54 -27.75 -1.45 12.79
C GLN A 54 -26.25 -1.28 12.63
N ASP A 55 -25.55 -1.19 13.77
CA ASP A 55 -24.10 -1.18 13.77
C ASP A 55 -23.66 -2.64 13.69
N LEU A 56 -22.64 -2.88 12.87
CA LEU A 56 -22.15 -4.23 12.60
C LEU A 56 -20.62 -4.24 12.52
N PRO A 57 -19.96 -5.38 12.85
CA PRO A 57 -18.50 -5.44 12.73
C PRO A 57 -18.06 -5.15 11.30
N GLY A 58 -16.89 -4.53 11.16
CA GLY A 58 -16.33 -4.19 9.86
C GLY A 58 -15.95 -5.39 9.03
N ILE A 59 -15.95 -5.19 7.71
CA ILE A 59 -15.60 -6.23 6.73
C ILE A 59 -14.76 -5.63 5.60
N TYR A 60 -13.76 -6.40 5.13
CA TYR A 60 -12.95 -5.98 3.99
C TYR A 60 -13.60 -6.35 2.66
N SER A 61 -14.36 -7.45 2.66
CA SER A 61 -15.15 -7.90 1.51
C SER A 61 -16.35 -8.73 1.98
N MET A 62 -17.12 -9.25 1.02
CA MET A 62 -18.25 -10.16 1.28
C MET A 62 -17.84 -11.64 1.37
N SER A 63 -16.54 -11.90 1.28
CA SER A 63 -15.97 -13.23 1.53
C SER A 63 -15.23 -13.08 2.87
N PRO A 64 -15.89 -13.45 3.98
CA PRO A 64 -15.39 -13.16 5.34
C PRO A 64 -14.25 -14.07 5.80
N TYR A 65 -13.64 -13.71 6.92
CA TYR A 65 -12.55 -14.47 7.53
C TYR A 65 -12.82 -14.76 9.00
N SER A 66 -13.04 -13.71 9.79
CA SER A 66 -13.37 -13.85 11.20
C SER A 66 -14.88 -14.10 11.38
N PRO A 67 -15.29 -14.72 12.52
CA PRO A 67 -16.73 -14.86 12.81
C PRO A 67 -17.41 -13.50 12.97
N ALA A 68 -16.62 -12.49 13.33
CA ALA A 68 -17.07 -11.10 13.42
C ALA A 68 -17.45 -10.56 12.04
N GLU A 69 -16.60 -10.84 11.04
CA GLU A 69 -16.84 -10.44 9.66
C GLU A 69 -18.09 -11.11 9.06
N LYS A 70 -18.30 -12.37 9.44
CA LYS A 70 -19.46 -13.18 9.05
C LYS A 70 -20.80 -12.52 9.44
N VAL A 71 -20.86 -12.00 10.68
CA VAL A 71 -22.05 -11.34 11.26
C VAL A 71 -22.61 -10.26 10.33
N ALA A 72 -21.74 -9.37 9.85
CA ALA A 72 -22.13 -8.29 8.95
C ALA A 72 -22.68 -8.81 7.61
N ARG A 73 -22.01 -9.82 7.08
CA ARG A 73 -22.37 -10.48 5.82
C ARG A 73 -23.72 -11.17 5.92
N ASP A 74 -23.90 -11.97 6.97
CA ASP A 74 -25.13 -12.73 7.25
C ASP A 74 -26.35 -11.85 7.42
N TYR A 75 -26.15 -10.67 8.02
CA TYR A 75 -27.24 -9.72 8.21
C TYR A 75 -27.76 -9.20 6.86
N LEU A 76 -26.82 -8.88 5.96
CA LEU A 76 -27.13 -8.38 4.62
C LEU A 76 -27.81 -9.42 3.75
N LEU A 77 -27.28 -10.64 3.80
CA LEU A 77 -27.75 -11.74 2.95
C LEU A 77 -29.04 -12.42 3.41
N SER A 78 -29.45 -12.15 4.66
CA SER A 78 -30.73 -12.61 5.19
C SER A 78 -31.91 -11.77 4.66
N GLN A 79 -31.57 -10.66 3.97
CA GLN A 79 -32.53 -9.71 3.34
C GLN A 79 -33.26 -8.78 4.33
N ARG A 80 -32.74 -8.70 5.57
CA ARG A 80 -33.34 -7.89 6.65
C ARG A 80 -33.13 -6.37 6.47
N ALA A 81 -32.07 -5.99 5.77
CA ALA A 81 -31.73 -4.59 5.53
C ALA A 81 -32.53 -3.99 4.38
N ASP A 82 -33.09 -2.81 4.61
CA ASP A 82 -33.82 -2.04 3.59
C ASP A 82 -32.89 -1.07 2.87
N SER A 83 -31.81 -0.69 3.56
CA SER A 83 -30.82 0.26 3.08
C SER A 83 -29.42 -0.10 3.59
N ILE A 84 -28.42 -0.01 2.70
CA ILE A 84 -27.02 -0.16 3.08
C ILE A 84 -26.43 1.24 3.17
N LEU A 85 -26.02 1.63 4.38
CA LEU A 85 -25.28 2.86 4.55
C LEU A 85 -23.81 2.44 4.60
N ASN A 86 -23.16 2.59 3.45
CA ASN A 86 -21.78 2.20 3.25
C ASN A 86 -20.83 3.27 3.76
N VAL A 87 -20.15 2.96 4.86
CA VAL A 87 -19.21 3.88 5.49
C VAL A 87 -17.84 3.66 4.85
N VAL A 88 -17.36 4.72 4.18
CA VAL A 88 -16.13 4.69 3.41
C VAL A 88 -15.09 5.66 3.98
N ASP A 89 -13.90 5.13 4.28
CA ASP A 89 -12.76 5.93 4.69
C ASP A 89 -12.16 6.58 3.44
N ALA A 90 -12.40 7.89 3.31
CA ALA A 90 -11.95 8.70 2.15
C ALA A 90 -10.44 8.81 1.98
N THR A 91 -9.68 8.55 3.05
CA THR A 91 -8.21 8.61 2.99
C THR A 91 -7.61 7.37 2.34
N ASN A 92 -8.44 6.33 2.22
CA ASN A 92 -8.07 5.06 1.57
C ASN A 92 -9.25 4.57 0.72
N LEU A 93 -9.64 5.42 -0.24
CA LEU A 93 -10.81 5.24 -1.10
C LEU A 93 -10.82 4.00 -2.00
N GLU A 94 -9.72 3.78 -2.73
CA GLU A 94 -9.57 2.65 -3.65
C GLU A 94 -9.77 1.27 -2.99
N ARG A 95 -9.10 1.07 -1.86
CA ARG A 95 -9.17 -0.16 -1.08
C ARG A 95 -10.56 -0.36 -0.44
N ASN A 96 -11.17 0.75 0.00
CA ASN A 96 -12.51 0.74 0.61
C ASN A 96 -13.63 0.41 -0.37
N LEU A 97 -13.49 0.88 -1.61
CA LEU A 97 -14.50 0.67 -2.65
C LEU A 97 -14.59 -0.75 -3.20
N TYR A 98 -13.57 -1.56 -2.90
CA TYR A 98 -13.56 -2.98 -3.27
C TYR A 98 -14.81 -3.67 -2.70
N LEU A 99 -15.13 -3.37 -1.44
CA LEU A 99 -16.33 -3.85 -0.78
C LEU A 99 -17.59 -3.22 -1.36
N THR A 100 -17.52 -1.91 -1.64
CA THR A 100 -18.63 -1.10 -2.19
C THR A 100 -19.25 -1.71 -3.44
N THR A 101 -18.41 -2.16 -4.38
CA THR A 101 -18.85 -2.79 -5.63
C THR A 101 -19.71 -4.02 -5.31
N GLN A 102 -19.23 -4.82 -4.36
CA GLN A 102 -19.93 -6.03 -3.89
C GLN A 102 -21.25 -5.72 -3.19
N LEU A 103 -21.31 -4.58 -2.50
CA LEU A 103 -22.53 -4.16 -1.78
C LEU A 103 -23.65 -3.74 -2.72
N ILE A 104 -23.30 -3.06 -3.81
CA ILE A 104 -24.26 -2.66 -4.84
C ILE A 104 -24.87 -3.94 -5.46
N GLU A 105 -24.00 -4.92 -5.70
CA GLU A 105 -24.36 -6.23 -6.25
C GLU A 105 -25.39 -7.01 -5.43
N THR A 106 -25.44 -6.78 -4.12
CA THR A 106 -26.42 -7.44 -3.23
C THR A 106 -27.85 -6.99 -3.54
N GLY A 107 -27.98 -5.85 -4.21
CA GLY A 107 -29.27 -5.32 -4.64
C GLY A 107 -29.98 -4.47 -3.59
N ILE A 108 -29.43 -4.42 -2.38
CA ILE A 108 -29.95 -3.55 -1.34
C ILE A 108 -29.33 -2.18 -1.64
N PRO A 109 -30.17 -1.14 -1.88
CA PRO A 109 -29.68 0.19 -2.25
C PRO A 109 -28.64 0.72 -1.28
N VAL A 110 -27.52 1.17 -1.87
CA VAL A 110 -26.37 1.65 -1.14
C VAL A 110 -26.32 3.18 -1.13
N THR A 111 -26.09 3.74 0.05
CA THR A 111 -25.83 5.15 0.27
C THR A 111 -24.44 5.22 0.87
N ILE A 112 -23.57 6.06 0.30
CA ILE A 112 -22.20 6.16 0.80
C ILE A 112 -22.00 7.31 1.77
N ALA A 113 -21.55 6.95 2.98
CA ALA A 113 -21.03 7.92 3.93
C ALA A 113 -19.53 7.99 3.63
N LEU A 114 -19.13 9.02 2.91
CA LEU A 114 -17.73 9.25 2.59
C LEU A 114 -17.13 9.91 3.82
N ASN A 115 -16.83 9.04 4.79
CA ASN A 115 -16.36 9.46 6.11
C ASN A 115 -14.92 9.91 6.13
N MET A 116 -14.54 10.56 7.23
CA MET A 116 -13.19 11.07 7.52
C MET A 116 -12.71 12.12 6.53
N ILE A 117 -13.67 12.90 6.03
CA ILE A 117 -13.43 13.98 5.06
C ILE A 117 -12.54 15.10 5.68
N ASP A 118 -12.61 15.24 7.01
CA ASP A 118 -11.81 16.22 7.78
C ASP A 118 -10.30 15.91 7.73
N VAL A 119 -9.97 14.63 7.74
CA VAL A 119 -8.59 14.14 7.63
C VAL A 119 -8.07 14.43 6.23
N LEU A 120 -8.92 14.18 5.24
CA LEU A 120 -8.62 14.41 3.82
C LEU A 120 -8.34 15.87 3.52
N ASP A 121 -9.11 16.77 4.16
CA ASP A 121 -8.92 18.22 4.04
C ASP A 121 -7.60 18.67 4.66
N GLY A 122 -7.13 17.92 5.66
CA GLY A 122 -5.84 18.15 6.31
C GLY A 122 -4.69 17.75 5.40
N GLN A 123 -4.91 16.68 4.62
CA GLN A 123 -3.96 16.17 3.64
C GLN A 123 -3.87 17.05 2.38
N GLY A 124 -4.80 18.00 2.26
CA GLY A 124 -4.88 18.93 1.12
C GLY A 124 -5.59 18.36 -0.10
N LYS A 125 -6.00 17.10 -0.01
CA LYS A 125 -6.69 16.37 -1.09
C LYS A 125 -8.20 16.61 -1.05
N LYS A 126 -8.84 16.48 -2.21
CA LYS A 126 -10.29 16.63 -2.36
C LYS A 126 -10.89 15.56 -3.28
N ILE A 127 -12.17 15.28 -3.08
CA ILE A 127 -12.93 14.34 -3.91
C ILE A 127 -14.18 15.08 -4.43
N ASN A 128 -14.40 14.99 -5.74
CA ASN A 128 -15.62 15.52 -6.35
C ASN A 128 -16.72 14.51 -6.02
N VAL A 129 -17.52 14.87 -5.02
CA VAL A 129 -18.58 14.02 -4.46
C VAL A 129 -19.62 13.61 -5.51
N ASP A 130 -20.09 14.59 -6.29
CA ASP A 130 -21.09 14.37 -7.34
C ASP A 130 -20.57 13.50 -8.49
N LYS A 131 -19.29 13.64 -8.81
CA LYS A 131 -18.62 12.79 -9.81
C LYS A 131 -18.58 11.34 -9.31
N LEU A 132 -18.09 11.16 -8.08
CA LEU A 132 -18.06 9.86 -7.42
C LEU A 132 -19.45 9.23 -7.34
N SER A 133 -20.47 10.06 -7.12
CA SER A 133 -21.87 9.62 -7.07
C SER A 133 -22.42 9.15 -8.41
N TYR A 134 -22.10 9.88 -9.48
CA TYR A 134 -22.59 9.54 -10.82
C TYR A 134 -21.99 8.25 -11.35
N HIS A 135 -20.66 8.14 -11.30
CA HIS A 135 -19.93 6.99 -11.85
C HIS A 135 -20.04 5.71 -11.03
N LEU A 136 -20.55 5.82 -9.82
CA LEU A 136 -20.73 4.68 -8.93
C LEU A 136 -22.20 4.25 -8.87
N GLY A 137 -23.09 5.14 -9.31
CA GLY A 137 -24.53 4.89 -9.38
C GLY A 137 -25.24 4.86 -8.04
N VAL A 138 -24.63 5.49 -7.04
CA VAL A 138 -25.16 5.55 -5.67
C VAL A 138 -25.04 6.96 -5.10
N PRO A 139 -25.95 7.37 -4.17
CA PRO A 139 -25.78 8.65 -3.48
C PRO A 139 -24.54 8.66 -2.59
N VAL A 140 -23.80 9.77 -2.63
CA VAL A 140 -22.59 9.96 -1.83
C VAL A 140 -22.71 11.26 -1.00
N VAL A 141 -22.40 11.16 0.28
CA VAL A 141 -22.38 12.32 1.19
C VAL A 141 -21.08 12.33 1.99
N ALA A 142 -20.33 13.44 1.87
CA ALA A 142 -19.08 13.66 2.59
C ALA A 142 -19.40 13.91 4.06
N THR A 143 -18.87 13.05 4.92
CA THR A 143 -19.15 13.09 6.37
C THR A 143 -17.91 13.12 7.25
N SER A 144 -18.11 13.61 8.48
CA SER A 144 -17.08 13.60 9.50
C SER A 144 -17.79 13.32 10.82
N ALA A 145 -17.37 12.25 11.49
CA ALA A 145 -17.93 11.90 12.80
C ALA A 145 -17.26 12.72 13.89
N LEU A 146 -16.06 13.21 13.59
CA LEU A 146 -15.25 14.04 14.49
C LEU A 146 -15.75 15.48 14.49
N LYS A 147 -15.92 16.04 13.29
CA LYS A 147 -16.40 17.42 13.11
C LYS A 147 -17.93 17.52 13.14
N GLN A 148 -18.60 16.37 13.16
CA GLN A 148 -20.07 16.25 13.18
C GLN A 148 -20.76 16.90 11.97
N THR A 149 -20.10 16.82 10.81
CA THR A 149 -20.60 17.40 9.56
C THR A 149 -21.15 16.31 8.65
N GLY A 150 -22.25 16.63 7.95
CA GLY A 150 -22.88 15.75 6.97
C GLY A 150 -23.57 14.50 7.49
N VAL A 151 -23.64 14.35 8.81
CA VAL A 151 -24.22 13.15 9.44
C VAL A 151 -25.73 13.02 9.21
N ASP A 152 -26.47 14.12 9.45
CA ASP A 152 -27.91 14.16 9.24
C ASP A 152 -28.28 13.94 7.77
N GLN A 153 -27.52 14.56 6.86
N GLN A 153 -27.52 14.56 6.87
CA GLN A 153 -27.74 14.48 5.41
CA GLN A 153 -27.73 14.48 5.43
C GLN A 153 -27.53 13.07 4.86
C GLN A 153 -27.56 13.06 4.88
N VAL A 154 -26.59 12.33 5.44
CA VAL A 154 -26.31 10.96 5.00
C VAL A 154 -27.41 10.00 5.46
N VAL A 155 -28.00 10.28 6.63
CA VAL A 155 -29.15 9.53 7.15
C VAL A 155 -30.37 9.77 6.26
N LYS A 156 -30.67 11.06 6.03
CA LYS A 156 -31.78 11.50 5.19
C LYS A 156 -31.75 10.80 3.84
N LYS A 157 -30.56 10.73 3.23
CA LYS A 157 -30.40 10.14 1.92
C LYS A 157 -30.55 8.62 1.99
N ALA A 158 -30.00 8.01 3.05
CA ALA A 158 -30.14 6.56 3.29
C ALA A 158 -31.60 6.15 3.50
N ALA A 159 -32.32 6.96 4.27
CA ALA A 159 -33.75 6.78 4.57
C ALA A 159 -34.62 6.80 3.31
N HIS A 160 -34.14 7.54 2.31
CA HIS A 160 -34.83 7.75 1.04
C HIS A 160 -34.30 6.88 -0.10
N THR A 161 -33.29 6.06 0.20
CA THR A 161 -32.69 5.14 -0.76
C THR A 161 -32.84 3.73 -0.20
N THR A 162 -34.08 3.23 -0.26
CA THR A 162 -34.43 1.91 0.27
C THR A 162 -35.02 1.02 -0.81
N THR A 163 -35.13 -0.27 -0.51
CA THR A 163 -35.72 -1.29 -1.41
C THR A 163 -37.16 -0.95 -1.87
N SER A 164 -37.83 -0.08 -1.11
CA SER A 164 -39.20 0.34 -1.45
C SER A 164 -39.32 1.75 -2.04
N THR A 165 -38.20 2.49 -2.13
CA THR A 165 -38.19 3.84 -2.74
C THR A 165 -37.39 3.90 -4.05
N VAL A 166 -36.58 2.87 -4.29
CA VAL A 166 -35.67 2.81 -5.45
C VAL A 166 -36.13 1.76 -6.47
N GLY A 167 -36.20 2.18 -7.74
CA GLY A 167 -36.58 1.31 -8.86
C GLY A 167 -35.45 0.42 -9.33
N ASP A 168 -35.06 0.58 -10.60
CA ASP A 168 -34.01 -0.23 -11.22
C ASP A 168 -32.64 0.27 -10.76
N LEU A 169 -31.85 -0.65 -10.22
CA LEU A 169 -30.52 -0.32 -9.67
C LEU A 169 -29.36 -0.43 -10.66
N ALA A 170 -28.53 0.61 -10.68
CA ALA A 170 -27.34 0.65 -11.52
C ALA A 170 -26.20 -0.11 -10.84
N PHE A 171 -25.80 -1.21 -11.47
CA PHE A 171 -24.69 -2.04 -10.99
C PHE A 171 -23.40 -1.67 -11.73
N PRO A 172 -22.23 -1.82 -11.07
CA PRO A 172 -20.94 -1.63 -11.76
C PRO A 172 -20.79 -2.56 -12.98
N ILE A 173 -20.63 -1.95 -14.15
CA ILE A 173 -20.47 -2.68 -15.41
C ILE A 173 -18.99 -3.01 -15.63
N TYR A 174 -18.70 -4.29 -15.78
CA TYR A 174 -17.32 -4.76 -15.99
C TYR A 174 -17.03 -5.02 -17.47
N ASP A 175 -15.91 -5.69 -17.74
CA ASP A 175 -15.52 -6.16 -19.07
C ASP A 175 -16.71 -6.95 -19.63
N ASP A 176 -17.13 -6.59 -20.84
N ASP A 176 -17.13 -6.59 -20.84
CA ASP A 176 -18.29 -7.22 -21.52
CA ASP A 176 -18.29 -7.20 -21.50
C ASP A 176 -18.19 -8.73 -21.64
C ASP A 176 -18.18 -8.72 -21.74
N ARG A 177 -16.96 -9.24 -21.70
CA ARG A 177 -16.70 -10.69 -21.82
C ARG A 177 -17.09 -11.42 -20.52
N LEU A 178 -16.86 -10.78 -19.38
CA LEU A 178 -17.29 -11.29 -18.07
C LEU A 178 -18.79 -11.08 -17.89
N GLU A 179 -19.31 -9.98 -18.45
CA GLU A 179 -20.74 -9.66 -18.42
C GLU A 179 -21.58 -10.73 -19.11
N ALA A 180 -21.06 -11.25 -20.23
CA ALA A 180 -21.66 -12.35 -20.96
C ALA A 180 -21.72 -13.62 -20.09
N ALA A 181 -20.63 -13.86 -19.35
CA ALA A 181 -20.54 -14.99 -18.40
C ALA A 181 -21.52 -14.84 -17.23
N ILE A 182 -21.67 -13.62 -16.72
CA ILE A 182 -22.61 -13.28 -15.63
C ILE A 182 -24.05 -13.59 -16.06
N SER A 183 -24.43 -13.11 -17.26
CA SER A 183 -25.75 -13.39 -17.86
C SER A 183 -26.09 -14.88 -17.92
N GLN A 184 -25.11 -15.68 -18.34
CA GLN A 184 -25.28 -17.14 -18.43
C GLN A 184 -25.45 -17.78 -17.06
N ILE A 185 -24.70 -17.32 -16.06
CA ILE A 185 -24.84 -17.80 -14.67
C ILE A 185 -26.19 -17.37 -14.06
N LEU A 186 -26.66 -16.16 -14.43
CA LEU A 186 -27.96 -15.65 -13.98
C LEU A 186 -29.11 -16.52 -14.49
N GLU A 187 -29.02 -16.93 -15.76
CA GLU A 187 -29.97 -17.86 -16.37
C GLU A 187 -29.95 -19.20 -15.66
N VAL A 188 -28.75 -19.69 -15.38
CA VAL A 188 -28.52 -20.97 -14.69
C VAL A 188 -29.03 -20.99 -13.23
N LEU A 189 -28.89 -19.86 -12.55
CA LEU A 189 -29.34 -19.71 -11.16
C LEU A 189 -30.85 -19.75 -11.01
N GLY A 190 -31.56 -19.06 -11.92
CA GLY A 190 -33.01 -18.96 -11.89
C GLY A 190 -33.50 -18.34 -10.60
N ASN A 191 -34.29 -19.13 -9.86
CA ASN A 191 -34.89 -18.69 -8.59
C ASN A 191 -34.22 -19.25 -7.32
N SER A 192 -33.05 -19.89 -7.47
CA SER A 192 -32.28 -20.51 -6.37
C SER A 192 -31.76 -19.49 -5.34
N VAL A 193 -31.70 -18.23 -5.78
CA VAL A 193 -31.32 -17.08 -4.95
C VAL A 193 -32.45 -16.03 -5.02
N PRO A 194 -32.52 -15.09 -4.03
CA PRO A 194 -33.47 -13.98 -4.22
C PRO A 194 -33.06 -13.13 -5.41
N GLN A 195 -34.05 -12.68 -6.20
CA GLN A 195 -33.81 -11.93 -7.44
C GLN A 195 -32.98 -10.65 -7.25
N ARG A 196 -33.22 -9.96 -6.13
CA ARG A 196 -32.53 -8.75 -5.75
C ARG A 196 -31.00 -8.95 -5.70
N SER A 197 -30.58 -10.07 -5.10
CA SER A 197 -29.17 -10.40 -4.87
C SER A 197 -28.54 -11.30 -5.94
N ALA A 198 -29.28 -11.60 -7.00
CA ALA A 198 -28.84 -12.52 -8.05
C ALA A 198 -27.47 -12.20 -8.63
N ARG A 199 -27.21 -10.92 -8.94
CA ARG A 199 -25.92 -10.52 -9.52
C ARG A 199 -24.74 -10.77 -8.56
N PHE A 200 -24.96 -10.53 -7.27
CA PHE A 200 -23.94 -10.78 -6.24
C PHE A 200 -23.50 -12.25 -6.21
N TYR A 201 -24.49 -13.14 -6.15
CA TYR A 201 -24.24 -14.56 -6.09
C TYR A 201 -23.61 -15.08 -7.37
N ALA A 202 -24.07 -14.56 -8.51
CA ALA A 202 -23.58 -14.97 -9.84
C ALA A 202 -22.08 -14.74 -9.98
N ILE A 203 -21.61 -13.57 -9.54
CA ILE A 203 -20.19 -13.20 -9.57
C ILE A 203 -19.39 -14.04 -8.57
N LYS A 204 -19.93 -14.23 -7.37
CA LYS A 204 -19.30 -15.08 -6.34
C LYS A 204 -19.15 -16.53 -6.80
N LEU A 205 -20.16 -17.02 -7.54
CA LEU A 205 -20.12 -18.36 -8.14
C LEU A 205 -19.07 -18.44 -9.25
N PHE A 206 -18.89 -17.34 -9.98
CA PHE A 206 -17.82 -17.23 -10.97
C PHE A 206 -16.46 -17.23 -10.26
N GLU A 207 -16.35 -16.48 -9.15
CA GLU A 207 -15.14 -16.43 -8.31
C GLU A 207 -14.79 -17.79 -7.67
N GLN A 208 -15.76 -18.71 -7.71
CA GLN A 208 -15.67 -20.05 -7.08
C GLN A 208 -15.47 -19.92 -5.57
N ASP A 209 -16.24 -19.01 -4.98
CA ASP A 209 -16.21 -18.74 -3.54
C ASP A 209 -16.82 -19.92 -2.77
N SER A 210 -15.97 -20.58 -1.97
CA SER A 210 -16.32 -21.74 -1.15
C SER A 210 -17.63 -21.62 -0.37
N LEU A 211 -17.76 -20.50 0.35
CA LEU A 211 -18.88 -20.25 1.26
C LEU A 211 -20.21 -20.18 0.50
N VAL A 212 -20.25 -19.37 -0.56
CA VAL A 212 -21.43 -19.19 -1.41
C VAL A 212 -21.87 -20.52 -2.04
N GLU A 213 -20.90 -21.29 -2.54
CA GLU A 213 -21.14 -22.61 -3.12
C GLU A 213 -21.84 -23.57 -2.13
N ALA A 214 -21.40 -23.55 -0.87
CA ALA A 214 -21.97 -24.38 0.19
C ALA A 214 -23.37 -23.91 0.64
N GLU A 215 -23.56 -22.59 0.71
CA GLU A 215 -24.83 -21.99 1.14
C GLU A 215 -25.96 -22.28 0.16
N LEU A 216 -25.62 -22.25 -1.13
CA LEU A 216 -26.58 -22.39 -2.23
C LEU A 216 -27.01 -23.80 -2.58
N ASP A 217 -26.11 -24.78 -2.39
CA ASP A 217 -26.36 -26.20 -2.66
C ASP A 217 -27.08 -26.38 -4.01
N LEU A 218 -26.36 -26.04 -5.08
CA LEU A 218 -26.91 -26.05 -6.42
C LEU A 218 -27.02 -27.47 -6.98
N SER A 219 -27.92 -27.62 -7.94
CA SER A 219 -28.17 -28.91 -8.59
C SER A 219 -26.96 -29.31 -9.43
N GLN A 220 -26.81 -30.62 -9.67
CA GLN A 220 -25.72 -31.16 -10.49
C GLN A 220 -25.68 -30.55 -11.89
N PHE A 221 -26.85 -30.23 -12.44
CA PHE A 221 -26.94 -29.57 -13.74
C PHE A 221 -26.49 -28.09 -13.69
N GLN A 222 -26.89 -27.37 -12.64
CA GLN A 222 -26.47 -25.98 -12.42
C GLN A 222 -24.96 -25.91 -12.22
N ARG A 223 -24.44 -26.80 -11.38
CA ARG A 223 -23.01 -26.89 -11.09
C ARG A 223 -22.20 -27.18 -12.36
N LYS A 224 -22.67 -28.09 -13.19
CA LYS A 224 -22.01 -28.49 -14.44
C LYS A 224 -21.98 -27.35 -15.46
N GLU A 225 -23.09 -26.63 -15.60
CA GLU A 225 -23.17 -25.51 -16.55
C GLU A 225 -22.31 -24.31 -16.13
N ILE A 226 -22.39 -23.93 -14.84
CA ILE A 226 -21.57 -22.85 -14.25
C ILE A 226 -20.07 -23.13 -14.44
N GLU A 227 -19.68 -24.39 -14.26
CA GLU A 227 -18.29 -24.84 -14.45
C GLU A 227 -17.83 -24.69 -15.91
N ASP A 228 -18.72 -25.00 -16.88
CA ASP A 228 -18.45 -24.86 -18.31
C ASP A 228 -18.28 -23.40 -18.73
N ILE A 229 -19.12 -22.55 -18.14
CA ILE A 229 -19.13 -21.11 -18.33
C ILE A 229 -17.81 -20.50 -17.81
N ILE A 230 -17.38 -20.93 -16.63
CA ILE A 230 -16.12 -20.46 -16.04
C ILE A 230 -14.93 -20.85 -16.94
N ARG A 231 -14.85 -22.14 -17.26
CA ARG A 231 -13.80 -22.72 -18.12
C ARG A 231 -13.62 -21.96 -19.44
N ILE A 232 -14.74 -21.71 -20.13
CA ILE A 232 -14.78 -20.99 -21.40
C ILE A 232 -14.32 -19.53 -21.25
N THR A 233 -14.82 -18.86 -20.21
CA THR A 233 -14.48 -17.45 -19.91
C THR A 233 -13.00 -17.33 -19.56
N GLU A 234 -12.47 -18.30 -18.81
CA GLU A 234 -11.04 -18.38 -18.49
C GLU A 234 -10.20 -18.51 -19.77
N GLU A 235 -10.66 -19.36 -20.69
CA GLU A 235 -10.02 -19.56 -21.99
C GLU A 235 -10.02 -18.25 -22.80
N ILE A 236 -11.14 -17.51 -22.74
CA ILE A 236 -11.31 -16.22 -23.43
C ILE A 236 -10.43 -15.13 -22.81
N PHE A 237 -10.46 -15.01 -21.48
CA PHE A 237 -9.67 -14.01 -20.74
C PHE A 237 -8.18 -14.32 -20.60
N THR A 238 -7.79 -15.56 -20.93
CA THR A 238 -6.42 -16.08 -20.77
C THR A 238 -5.94 -15.94 -19.31
N GLU A 239 -6.89 -16.02 -18.38
CA GLU A 239 -6.69 -15.74 -16.96
C GLU A 239 -7.64 -16.57 -16.10
N ASP A 240 -7.21 -16.91 -14.88
CA ASP A 240 -8.04 -17.67 -13.94
C ASP A 240 -9.22 -16.83 -13.42
N ALA A 241 -10.32 -17.50 -13.07
CA ALA A 241 -11.60 -16.89 -12.67
C ALA A 241 -11.52 -15.90 -11.51
N GLU A 242 -10.83 -16.27 -10.44
CA GLU A 242 -10.64 -15.44 -9.25
C GLU A 242 -9.97 -14.13 -9.63
N SER A 243 -8.88 -14.22 -10.40
CA SER A 243 -8.10 -13.07 -10.86
C SER A 243 -8.91 -12.13 -11.74
N ILE A 244 -9.74 -12.70 -12.63
CA ILE A 244 -10.59 -11.91 -13.54
C ILE A 244 -11.42 -10.89 -12.77
N VAL A 245 -12.16 -11.37 -11.77
CA VAL A 245 -13.05 -10.51 -10.95
C VAL A 245 -12.27 -9.46 -10.15
N ILE A 246 -11.29 -9.91 -9.35
CA ILE A 246 -10.45 -9.00 -8.54
C ILE A 246 -9.96 -7.83 -9.42
N ASN A 247 -9.35 -8.15 -10.56
CA ASN A 247 -8.85 -7.15 -11.50
C ASN A 247 -9.93 -6.29 -12.12
N GLU A 248 -11.11 -6.86 -12.37
CA GLU A 248 -12.24 -6.10 -12.90
C GLU A 248 -12.80 -5.08 -11.90
N ARG A 249 -12.86 -5.45 -10.63
CA ARG A 249 -13.30 -4.55 -9.56
C ARG A 249 -12.34 -3.37 -9.43
N TYR A 250 -11.05 -3.66 -9.28
CA TYR A 250 -10.02 -2.62 -9.18
C TYR A 250 -9.93 -1.74 -10.44
N ALA A 251 -10.13 -2.36 -11.62
CA ALA A 251 -10.19 -1.62 -12.88
C ALA A 251 -11.34 -0.63 -12.86
N PHE A 252 -12.50 -1.08 -12.40
CA PHE A 252 -13.69 -0.24 -12.25
C PHE A 252 -13.47 0.89 -11.22
N ILE A 253 -12.84 0.56 -10.10
CA ILE A 253 -12.55 1.53 -9.03
C ILE A 253 -11.55 2.60 -9.50
N GLU A 254 -10.50 2.16 -10.18
CA GLU A 254 -9.45 3.05 -10.73
C GLU A 254 -10.08 4.08 -11.68
N ARG A 255 -10.97 3.63 -12.57
CA ARG A 255 -11.68 4.51 -13.51
C ARG A 255 -12.55 5.53 -12.78
N VAL A 256 -13.26 5.07 -11.74
CA VAL A 256 -14.15 5.93 -10.93
C VAL A 256 -13.35 6.97 -10.14
N CYS A 257 -12.27 6.54 -9.48
CA CYS A 257 -11.42 7.42 -8.67
C CYS A 257 -10.67 8.47 -9.51
N GLN A 258 -10.39 8.15 -10.78
CA GLN A 258 -9.81 9.11 -11.73
C GLN A 258 -10.78 10.26 -12.00
N MET A 259 -12.06 9.91 -12.21
CA MET A 259 -13.14 10.90 -12.42
C MET A 259 -13.36 11.78 -11.18
N ALA A 260 -13.27 11.17 -9.99
CA ALA A 260 -13.56 11.82 -8.72
C ALA A 260 -12.41 12.63 -8.09
N GLU A 261 -11.22 12.02 -8.02
CA GLU A 261 -10.04 12.65 -7.41
C GLU A 261 -9.34 13.60 -8.39
N MET B 3 41.04 4.44 -11.11
CA MET B 3 39.67 4.40 -11.72
C MET B 3 38.58 4.34 -10.64
N THR B 4 37.50 5.09 -10.87
CA THR B 4 36.39 5.24 -9.91
C THR B 4 35.24 4.25 -10.12
N GLU B 5 34.85 3.57 -9.04
CA GLU B 5 33.75 2.60 -9.06
C GLU B 5 32.46 3.21 -8.53
N ILE B 6 31.47 3.29 -9.42
CA ILE B 6 30.14 3.81 -9.12
C ILE B 6 29.17 2.64 -9.18
N ALA B 7 28.54 2.35 -8.04
CA ALA B 7 27.58 1.25 -7.95
C ALA B 7 26.15 1.75 -8.18
N LEU B 8 25.38 0.97 -8.93
CA LEU B 8 23.98 1.26 -9.14
C LEU B 8 23.15 0.46 -8.14
N ILE B 9 22.66 1.16 -7.11
CA ILE B 9 21.86 0.53 -6.05
C ILE B 9 20.45 1.10 -6.02
N GLY B 10 19.47 0.21 -5.88
CA GLY B 10 18.07 0.59 -5.80
C GLY B 10 17.13 -0.60 -5.84
N ASN B 11 15.86 -0.33 -5.55
CA ASN B 11 14.81 -1.34 -5.58
C ASN B 11 14.69 -1.98 -6.97
N PRO B 12 14.28 -3.27 -7.04
CA PRO B 12 14.02 -3.84 -8.36
C PRO B 12 12.94 -3.03 -9.09
N ASN B 13 12.98 -3.03 -10.42
CA ASN B 13 12.01 -2.32 -11.29
C ASN B 13 12.03 -0.78 -11.13
N SER B 14 13.20 -0.23 -10.77
CA SER B 14 13.36 1.22 -10.58
C SER B 14 14.10 1.93 -11.72
N GLY B 15 14.73 1.14 -12.60
CA GLY B 15 15.38 1.67 -13.80
C GLY B 15 16.89 1.75 -13.79
N LYS B 16 17.56 0.89 -13.01
CA LYS B 16 19.03 0.89 -12.90
C LYS B 16 19.72 0.52 -14.21
N THR B 17 19.28 -0.59 -14.80
CA THR B 17 19.85 -1.13 -16.04
C THR B 17 19.58 -0.20 -17.22
N SER B 18 18.40 0.44 -17.20
CA SER B 18 18.01 1.41 -18.21
C SER B 18 18.98 2.59 -18.25
N LEU B 19 19.38 3.05 -17.06
CA LEU B 19 20.36 4.12 -16.94
C LEU B 19 21.74 3.62 -17.36
N PHE B 20 22.13 2.45 -16.86
CA PHE B 20 23.39 1.78 -17.22
C PHE B 20 23.59 1.74 -18.73
N ASN B 21 22.56 1.31 -19.47
CA ASN B 21 22.58 1.24 -20.94
C ASN B 21 22.83 2.59 -21.61
N LEU B 22 22.26 3.66 -21.07
CA LEU B 22 22.48 5.03 -21.57
C LEU B 22 23.88 5.55 -21.25
N ILE B 23 24.35 5.28 -20.03
CA ILE B 23 25.66 5.70 -19.53
C ILE B 23 26.82 4.97 -20.24
N THR B 24 26.65 3.66 -20.46
CA THR B 24 27.72 2.81 -21.01
C THR B 24 27.63 2.51 -22.50
N GLY B 25 26.43 2.65 -23.07
CA GLY B 25 26.19 2.34 -24.49
C GLY B 25 25.84 0.88 -24.72
N HIS B 26 25.74 0.11 -23.63
CA HIS B 26 25.41 -1.31 -23.65
C HIS B 26 23.92 -1.56 -23.92
N ASN B 27 23.56 -2.83 -24.12
CA ASN B 27 22.17 -3.23 -24.28
C ASN B 27 21.82 -4.40 -23.34
N GLN B 28 22.05 -4.17 -22.05
CA GLN B 28 21.75 -5.17 -21.01
C GLN B 28 20.23 -5.32 -20.82
N ARG B 29 19.83 -6.50 -20.32
CA ARG B 29 18.40 -6.86 -20.16
C ARG B 29 17.60 -5.88 -19.29
N VAL B 30 16.55 -5.32 -19.90
CA VAL B 30 15.64 -4.36 -19.28
C VAL B 30 14.21 -4.89 -19.42
N GLY B 31 13.48 -4.95 -18.30
CA GLY B 31 12.09 -5.44 -18.28
C GLY B 31 11.20 -4.72 -17.29
N ASN B 32 9.90 -4.69 -17.57
CA ASN B 32 8.92 -3.98 -16.71
C ASN B 32 8.31 -4.82 -15.56
N TRP B 33 9.18 -5.53 -14.84
CA TRP B 33 8.82 -6.33 -13.66
C TRP B 33 10.03 -6.45 -12.72
N PRO B 34 9.80 -6.59 -11.40
CA PRO B 34 10.93 -6.74 -10.49
C PRO B 34 11.74 -8.02 -10.70
N GLY B 35 13.07 -7.91 -10.58
CA GLY B 35 13.99 -9.05 -10.63
C GLY B 35 14.56 -9.45 -11.97
N VAL B 36 14.81 -8.49 -12.85
CA VAL B 36 15.38 -8.75 -14.18
C VAL B 36 16.88 -9.07 -14.09
N THR B 37 17.68 -8.13 -13.58
CA THR B 37 19.12 -8.33 -13.41
C THR B 37 19.36 -9.27 -12.24
N VAL B 38 20.15 -10.31 -12.48
CA VAL B 38 20.43 -11.34 -11.46
C VAL B 38 21.92 -11.41 -11.07
N GLU B 39 22.77 -10.64 -11.74
CA GLU B 39 24.22 -10.62 -11.48
C GLU B 39 24.90 -9.29 -11.85
N ARG B 40 26.10 -9.06 -11.33
CA ARG B 40 26.86 -7.83 -11.57
C ARG B 40 27.32 -7.70 -13.03
N LYS B 41 27.19 -6.49 -13.58
CA LYS B 41 27.65 -6.17 -14.92
C LYS B 41 28.31 -4.80 -14.91
N SER B 42 29.60 -4.79 -15.25
CA SER B 42 30.42 -3.58 -15.28
C SER B 42 30.46 -2.95 -16.66
N GLY B 43 30.72 -1.64 -16.69
CA GLY B 43 30.84 -0.87 -17.93
C GLY B 43 31.42 0.51 -17.70
N LEU B 44 32.08 1.05 -18.71
CA LEU B 44 32.68 2.38 -18.64
C LEU B 44 31.70 3.45 -19.05
N VAL B 45 31.76 4.58 -18.34
CA VAL B 45 30.97 5.77 -18.67
C VAL B 45 31.52 6.28 -20.01
N LYS B 46 30.65 6.39 -21.01
CA LYS B 46 31.04 6.80 -22.37
C LYS B 46 31.71 8.17 -22.44
N LYS B 47 31.17 9.13 -21.70
CA LYS B 47 31.65 10.52 -21.73
C LYS B 47 32.82 10.78 -20.75
N ASN B 48 33.14 9.78 -19.92
CA ASN B 48 34.25 9.85 -18.98
C ASN B 48 34.83 8.46 -18.73
N LYS B 49 35.88 8.14 -19.49
CA LYS B 49 36.54 6.82 -19.49
C LYS B 49 37.25 6.42 -18.19
N ASP B 50 37.44 7.38 -17.27
CA ASP B 50 38.07 7.11 -15.98
C ASP B 50 37.04 6.66 -14.92
N LEU B 51 35.80 6.45 -15.36
CA LEU B 51 34.72 5.99 -14.49
C LEU B 51 34.20 4.63 -14.95
N GLU B 52 34.13 3.70 -14.00
CA GLU B 52 33.57 2.37 -14.24
C GLU B 52 32.31 2.26 -13.38
N ILE B 53 31.18 2.02 -14.04
CA ILE B 53 29.89 1.88 -13.35
C ILE B 53 29.47 0.41 -13.30
N GLN B 54 28.90 0.00 -12.17
CA GLN B 54 28.49 -1.38 -11.94
C GLN B 54 26.97 -1.46 -11.87
N ASP B 55 26.37 -2.23 -12.78
CA ASP B 55 24.95 -2.53 -12.71
C ASP B 55 24.82 -3.74 -11.82
N LEU B 56 23.89 -3.68 -10.88
CA LEU B 56 23.67 -4.73 -9.89
C LEU B 56 22.19 -5.06 -9.78
N PRO B 57 21.85 -6.30 -9.31
CA PRO B 57 20.45 -6.64 -9.05
C PRO B 57 19.79 -5.72 -8.03
N GLY B 58 18.48 -5.55 -8.16
CA GLY B 58 17.69 -4.73 -7.25
C GLY B 58 17.66 -5.28 -5.85
N ILE B 59 17.50 -4.36 -4.88
CA ILE B 59 17.54 -4.68 -3.46
C ILE B 59 16.52 -3.81 -2.70
N TYR B 60 15.71 -4.43 -1.84
CA TYR B 60 14.68 -3.70 -1.07
C TYR B 60 15.20 -3.11 0.24
N SER B 61 16.24 -3.73 0.81
CA SER B 61 16.90 -3.29 2.05
C SER B 61 18.22 -4.06 2.21
N MET B 62 19.10 -3.53 3.05
CA MET B 62 20.41 -4.15 3.31
C MET B 62 20.35 -5.49 4.09
N SER B 63 19.14 -5.96 4.38
CA SER B 63 18.88 -7.29 4.92
C SER B 63 18.00 -8.01 3.88
N PRO B 64 18.63 -8.65 2.88
CA PRO B 64 17.96 -9.22 1.71
C PRO B 64 17.24 -10.55 1.93
N TYR B 65 16.23 -10.81 1.09
CA TYR B 65 15.43 -12.03 1.13
C TYR B 65 15.91 -13.09 0.15
N SER B 66 16.36 -12.65 -1.03
CA SER B 66 16.77 -13.56 -2.11
C SER B 66 18.28 -13.48 -2.43
N PRO B 67 18.84 -14.54 -3.08
CA PRO B 67 20.26 -14.55 -3.46
C PRO B 67 20.66 -13.40 -4.39
N ALA B 68 19.77 -13.05 -5.32
CA ALA B 68 19.97 -11.95 -6.26
C ALA B 68 20.22 -10.63 -5.51
N GLU B 69 19.40 -10.36 -4.50
CA GLU B 69 19.51 -9.19 -3.64
C GLU B 69 20.87 -9.14 -2.90
N LYS B 70 21.35 -10.31 -2.48
CA LYS B 70 22.62 -10.44 -1.75
C LYS B 70 23.84 -9.96 -2.56
N VAL B 71 23.82 -10.18 -3.88
CA VAL B 71 24.88 -9.77 -4.83
C VAL B 71 25.19 -8.27 -4.74
N ALA B 72 24.14 -7.44 -4.66
CA ALA B 72 24.25 -5.99 -4.52
C ALA B 72 24.82 -5.61 -3.16
N ARG B 73 24.27 -6.24 -2.11
CA ARG B 73 24.68 -6.02 -0.73
C ARG B 73 26.15 -6.38 -0.52
N ASP B 74 26.54 -7.56 -1.01
CA ASP B 74 27.92 -8.05 -0.93
C ASP B 74 28.91 -7.13 -1.62
N TYR B 75 28.54 -6.55 -2.77
CA TYR B 75 29.41 -5.60 -3.49
C TYR B 75 29.69 -4.35 -2.66
N LEU B 76 28.64 -3.81 -2.03
CA LEU B 76 28.77 -2.61 -1.19
C LEU B 76 29.64 -2.87 0.03
N LEU B 77 29.41 -4.01 0.67
CA LEU B 77 30.10 -4.35 1.92
C LEU B 77 31.50 -4.95 1.70
N SER B 78 31.88 -5.16 0.44
CA SER B 78 33.23 -5.60 0.09
C SER B 78 34.17 -4.38 -0.04
N GLN B 79 33.57 -3.19 0.03
CA GLN B 79 34.23 -1.87 -0.04
C GLN B 79 34.87 -1.57 -1.41
N ARG B 80 34.40 -2.25 -2.45
CA ARG B 80 34.92 -2.03 -3.81
C ARG B 80 34.35 -0.75 -4.45
N ALA B 81 33.29 -0.21 -3.86
CA ALA B 81 32.61 0.99 -4.38
C ALA B 81 33.16 2.28 -3.79
N ASP B 82 33.38 3.26 -4.67
CA ASP B 82 33.83 4.61 -4.31
C ASP B 82 32.63 5.55 -4.15
N SER B 83 31.58 5.25 -4.92
CA SER B 83 30.33 6.01 -4.94
C SER B 83 29.11 5.08 -5.08
N ILE B 84 28.02 5.48 -4.43
CA ILE B 84 26.73 4.80 -4.56
C ILE B 84 25.80 5.72 -5.35
N LEU B 85 25.46 5.30 -6.56
CA LEU B 85 24.44 5.99 -7.34
C LEU B 85 23.11 5.29 -7.04
N ASN B 86 22.35 5.90 -6.13
CA ASN B 86 21.08 5.38 -5.67
C ASN B 86 19.96 5.73 -6.67
N VAL B 87 19.47 4.71 -7.37
CA VAL B 87 18.38 4.88 -8.33
C VAL B 87 17.09 4.72 -7.55
N VAL B 88 16.30 5.79 -7.52
CA VAL B 88 15.06 5.86 -6.75
C VAL B 88 13.86 6.08 -7.66
N ASP B 89 12.84 5.24 -7.49
CA ASP B 89 11.57 5.36 -8.20
C ASP B 89 10.79 6.51 -7.56
N ALA B 90 10.58 7.56 -8.35
CA ALA B 90 9.87 8.77 -7.92
C ALA B 90 8.39 8.57 -7.60
N THR B 91 7.74 7.63 -8.31
CA THR B 91 6.32 7.32 -8.12
C THR B 91 6.05 6.59 -6.79
N ASN B 92 7.09 6.02 -6.19
CA ASN B 92 6.99 5.31 -4.91
C ASN B 92 8.11 5.75 -3.95
N LEU B 93 8.27 7.06 -3.81
CA LEU B 93 9.37 7.71 -3.05
C LEU B 93 9.59 7.15 -1.63
N GLU B 94 8.56 7.24 -0.78
CA GLU B 94 8.63 6.81 0.64
C GLU B 94 9.18 5.38 0.80
N ARG B 95 8.60 4.46 0.03
CA ARG B 95 8.97 3.05 0.01
C ARG B 95 10.41 2.83 -0.48
N ASN B 96 10.83 3.63 -1.46
CA ASN B 96 12.20 3.55 -2.02
C ASN B 96 13.29 4.08 -1.10
N LEU B 97 12.97 5.16 -0.37
CA LEU B 97 13.91 5.80 0.55
C LEU B 97 14.26 4.95 1.78
N TYR B 98 13.52 3.85 2.00
CA TYR B 98 13.81 2.92 3.08
C TYR B 98 15.24 2.37 2.96
N LEU B 99 15.60 1.90 1.76
CA LEU B 99 16.96 1.42 1.47
C LEU B 99 17.96 2.57 1.53
N THR B 100 17.58 3.73 0.99
CA THR B 100 18.42 4.93 0.92
C THR B 100 19.09 5.24 2.26
N THR B 101 18.31 5.23 3.34
CA THR B 101 18.81 5.55 4.69
C THR B 101 19.92 4.58 5.11
N GLN B 102 19.74 3.31 4.77
CA GLN B 102 20.75 2.27 5.03
C GLN B 102 22.02 2.44 4.18
N LEU B 103 21.85 2.94 2.95
CA LEU B 103 22.97 3.15 2.02
C LEU B 103 23.87 4.29 2.48
N ILE B 104 23.27 5.34 3.04
CA ILE B 104 24.02 6.48 3.59
C ILE B 104 24.85 6.00 4.77
N GLU B 105 24.27 5.10 5.57
CA GLU B 105 24.91 4.51 6.76
C GLU B 105 26.18 3.69 6.49
N THR B 106 26.35 3.21 5.25
CA THR B 106 27.56 2.47 4.86
C THR B 106 28.79 3.39 4.77
N GLY B 107 28.55 4.70 4.68
CA GLY B 107 29.63 5.68 4.61
C GLY B 107 30.17 5.90 3.21
N ILE B 108 29.68 5.12 2.25
CA ILE B 108 30.04 5.31 0.85
C ILE B 108 29.03 6.35 0.36
N PRO B 109 29.54 7.55 -0.03
CA PRO B 109 28.72 8.70 -0.41
C PRO B 109 27.63 8.35 -1.42
N VAL B 110 26.43 8.79 -1.13
CA VAL B 110 25.24 8.51 -1.92
C VAL B 110 24.88 9.70 -2.80
N THR B 111 24.55 9.41 -4.06
CA THR B 111 23.99 10.37 -4.99
C THR B 111 22.68 9.73 -5.46
N ILE B 112 21.59 10.48 -5.35
CA ILE B 112 20.28 9.95 -5.77
C ILE B 112 19.92 10.35 -7.19
N ALA B 113 19.68 9.32 -7.99
CA ALA B 113 19.07 9.47 -9.30
C ALA B 113 17.57 9.28 -9.02
N LEU B 114 16.86 10.41 -8.95
CA LEU B 114 15.43 10.42 -8.77
C LEU B 114 14.81 10.07 -10.13
N ASN B 115 14.80 8.77 -10.40
CA ASN B 115 14.39 8.22 -11.69
C ASN B 115 12.88 8.18 -11.87
N MET B 116 12.44 8.00 -13.12
CA MET B 116 11.03 7.90 -13.52
C MET B 116 10.24 9.17 -13.23
N ILE B 117 10.93 10.31 -13.35
CA ILE B 117 10.36 11.64 -13.09
C ILE B 117 9.32 12.02 -14.16
N ASP B 118 9.43 11.39 -15.34
CA ASP B 118 8.51 11.59 -16.46
C ASP B 118 7.11 11.06 -16.16
N VAL B 119 7.04 9.95 -15.41
CA VAL B 119 5.79 9.32 -14.98
C VAL B 119 5.14 10.20 -13.91
N LEU B 120 5.95 10.71 -12.98
CA LEU B 120 5.49 11.63 -11.94
C LEU B 120 4.94 12.94 -12.53
N ASP B 121 5.59 13.44 -13.58
CA ASP B 121 5.10 14.62 -14.30
C ASP B 121 3.74 14.30 -14.95
N GLY B 122 3.65 13.12 -15.56
CA GLY B 122 2.44 12.61 -16.19
C GLY B 122 1.25 12.43 -15.25
N GLN B 123 1.53 12.00 -14.02
CA GLN B 123 0.50 11.84 -12.97
C GLN B 123 0.02 13.20 -12.43
N GLY B 124 0.83 14.24 -12.63
CA GLY B 124 0.52 15.60 -12.19
C GLY B 124 1.11 15.99 -10.84
N LYS B 125 2.12 15.25 -10.39
CA LYS B 125 2.80 15.50 -9.11
C LYS B 125 4.17 16.16 -9.29
N LYS B 126 4.64 16.80 -8.22
CA LYS B 126 5.97 17.46 -8.20
C LYS B 126 6.76 17.21 -6.91
N ILE B 127 8.05 16.96 -7.07
CA ILE B 127 8.99 16.81 -5.95
C ILE B 127 10.00 17.96 -5.96
N ASN B 128 10.05 18.67 -4.84
CA ASN B 128 11.07 19.70 -4.62
C ASN B 128 12.40 18.97 -4.40
N VAL B 129 13.18 18.94 -5.48
CA VAL B 129 14.47 18.23 -5.56
C VAL B 129 15.50 18.76 -4.55
N ASP B 130 15.63 20.09 -4.49
CA ASP B 130 16.58 20.78 -3.61
C ASP B 130 16.29 20.61 -2.12
N LYS B 131 15.00 20.62 -1.78
CA LYS B 131 14.56 20.41 -0.39
C LYS B 131 14.74 18.95 0.00
N LEU B 132 14.45 18.03 -0.92
CA LEU B 132 14.69 16.60 -0.70
C LEU B 132 16.18 16.37 -0.45
N SER B 133 17.02 17.03 -1.25
CA SER B 133 18.48 16.97 -1.14
C SER B 133 18.96 17.46 0.23
N TYR B 134 18.47 18.64 0.65
CA TYR B 134 18.85 19.28 1.92
C TYR B 134 18.59 18.40 3.15
N HIS B 135 17.33 17.99 3.32
CA HIS B 135 16.88 17.21 4.48
C HIS B 135 17.43 15.78 4.51
N LEU B 136 17.77 15.26 3.34
CA LEU B 136 18.27 13.89 3.18
C LEU B 136 19.80 13.86 3.22
N GLY B 137 20.43 15.03 3.06
CA GLY B 137 21.88 15.21 3.17
C GLY B 137 22.71 14.58 2.07
N VAL B 138 22.10 14.41 0.89
CA VAL B 138 22.76 13.83 -0.30
C VAL B 138 22.37 14.61 -1.57
N PRO B 139 23.24 14.62 -2.60
CA PRO B 139 22.83 15.22 -3.88
C PRO B 139 21.68 14.44 -4.55
N VAL B 140 20.73 15.17 -5.12
CA VAL B 140 19.60 14.57 -5.82
C VAL B 140 19.47 15.22 -7.20
N VAL B 141 19.41 14.37 -8.23
CA VAL B 141 19.17 14.81 -9.62
C VAL B 141 18.00 14.00 -10.15
N ALA B 142 17.00 14.72 -10.66
CA ALA B 142 15.81 14.14 -11.28
C ALA B 142 16.18 13.58 -12.64
N THR B 143 15.90 12.29 -12.85
CA THR B 143 16.27 11.61 -14.10
C THR B 143 15.11 10.85 -14.73
N SER B 144 15.25 10.59 -16.03
CA SER B 144 14.34 9.74 -16.79
C SER B 144 15.13 9.00 -17.86
N ALA B 145 15.04 7.68 -17.84
CA ALA B 145 15.70 6.84 -18.83
C ALA B 145 14.96 6.85 -20.18
N LEU B 146 13.63 7.01 -20.12
CA LEU B 146 12.77 7.07 -21.31
C LEU B 146 12.95 8.37 -22.09
N LYS B 147 13.03 9.50 -21.37
CA LYS B 147 13.21 10.83 -21.97
C LYS B 147 14.69 11.19 -22.17
N GLN B 148 15.59 10.40 -21.57
CA GLN B 148 17.05 10.59 -21.57
C GLN B 148 17.46 11.96 -21.02
N THR B 149 16.86 12.30 -19.87
CA THR B 149 17.11 13.60 -19.22
C THR B 149 17.76 13.42 -17.84
N GLY B 150 18.72 14.29 -17.53
CA GLY B 150 19.41 14.29 -16.24
C GLY B 150 20.44 13.21 -16.00
N VAL B 151 20.65 12.34 -16.99
CA VAL B 151 21.57 11.19 -16.90
C VAL B 151 23.02 11.62 -16.72
N ASP B 152 23.53 12.47 -17.61
CA ASP B 152 24.90 13.00 -17.55
C ASP B 152 25.17 13.80 -16.27
N GLN B 153 24.16 14.53 -15.82
CA GLN B 153 24.22 15.36 -14.62
C GLN B 153 24.47 14.54 -13.36
N VAL B 154 23.69 13.47 -13.18
CA VAL B 154 23.75 12.60 -11.99
C VAL B 154 25.05 11.76 -11.96
N VAL B 155 25.59 11.43 -13.14
CA VAL B 155 26.87 10.72 -13.26
C VAL B 155 28.01 11.65 -12.81
N LYS B 156 28.02 12.88 -13.34
CA LYS B 156 28.99 13.91 -12.95
C LYS B 156 29.00 14.14 -11.45
N LYS B 157 27.80 14.26 -10.87
CA LYS B 157 27.63 14.46 -9.44
C LYS B 157 28.14 13.27 -8.64
N ALA B 158 27.84 12.05 -9.10
CA ALA B 158 28.31 10.82 -8.46
C ALA B 158 29.84 10.74 -8.48
N ALA B 159 30.44 11.22 -9.56
CA ALA B 159 31.90 11.29 -9.74
C ALA B 159 32.58 12.28 -8.77
N HIS B 160 31.90 13.40 -8.47
CA HIS B 160 32.35 14.38 -7.47
C HIS B 160 32.12 13.87 -6.05
N THR B 161 31.12 13.00 -5.89
CA THR B 161 30.71 12.50 -4.57
C THR B 161 31.27 11.09 -4.34
N THR B 162 32.56 11.06 -4.00
CA THR B 162 33.31 9.82 -3.74
C THR B 162 33.88 9.80 -2.32
N THR B 163 34.35 8.62 -1.88
CA THR B 163 35.00 8.41 -0.58
C THR B 163 36.23 9.30 -0.39
N SER B 164 36.90 9.63 -1.50
CA SER B 164 38.10 10.47 -1.55
C SER B 164 37.82 11.98 -1.47
N THR B 165 36.71 12.41 -2.07
CA THR B 165 36.35 13.83 -2.21
C THR B 165 35.31 14.39 -1.20
N VAL B 166 34.78 13.52 -0.33
CA VAL B 166 33.75 13.91 0.65
C VAL B 166 34.31 14.06 2.08
N GLY B 167 34.14 15.26 2.65
CA GLY B 167 34.60 15.62 3.99
C GLY B 167 33.71 15.11 5.12
N ASP B 168 32.66 15.87 5.43
CA ASP B 168 31.70 15.53 6.50
C ASP B 168 30.44 14.83 5.98
N LEU B 169 30.27 13.56 6.37
CA LEU B 169 29.11 12.76 5.99
C LEU B 169 27.94 12.96 6.95
N ALA B 170 26.78 13.30 6.39
CA ALA B 170 25.57 13.54 7.17
C ALA B 170 24.61 12.33 7.17
N PHE B 171 24.54 11.66 8.32
CA PHE B 171 23.66 10.50 8.51
C PHE B 171 22.25 10.91 8.95
N PRO B 172 21.22 10.16 8.50
CA PRO B 172 19.87 10.35 9.04
C PRO B 172 19.83 10.19 10.57
N ILE B 173 19.51 11.30 11.26
CA ILE B 173 19.45 11.33 12.72
C ILE B 173 18.06 10.85 13.17
N TYR B 174 18.05 9.91 14.13
CA TYR B 174 16.82 9.35 14.67
C TYR B 174 16.55 9.83 16.09
N ASP B 175 15.58 9.19 16.74
CA ASP B 175 15.23 9.39 18.15
C ASP B 175 16.50 9.30 19.00
N ASP B 176 16.72 10.31 19.86
CA ASP B 176 17.91 10.40 20.73
C ASP B 176 18.16 9.15 21.56
N ARG B 177 17.08 8.52 22.01
CA ARG B 177 17.15 7.29 22.79
C ARG B 177 17.69 6.12 21.96
N LEU B 178 17.45 6.15 20.65
CA LEU B 178 18.06 5.17 19.74
C LEU B 178 19.51 5.57 19.45
N GLU B 179 19.74 6.87 19.27
CA GLU B 179 21.08 7.41 19.02
C GLU B 179 22.06 7.11 20.15
N ALA B 180 21.55 7.12 21.39
CA ALA B 180 22.34 6.78 22.59
C ALA B 180 22.79 5.32 22.52
N ALA B 181 21.88 4.45 22.08
CA ALA B 181 22.15 3.01 21.92
C ALA B 181 23.18 2.74 20.83
N ILE B 182 23.09 3.48 19.72
CA ILE B 182 24.05 3.37 18.60
C ILE B 182 25.46 3.71 19.09
N SER B 183 25.62 4.89 19.73
CA SER B 183 26.87 5.32 20.37
C SER B 183 27.49 4.25 21.27
N GLN B 184 26.65 3.68 22.13
CA GLN B 184 27.04 2.62 23.08
C GLN B 184 27.48 1.33 22.37
N ILE B 185 26.80 0.97 21.27
CA ILE B 185 27.19 -0.23 20.49
C ILE B 185 28.50 0.07 19.76
N LEU B 186 28.66 1.30 19.26
CA LEU B 186 29.90 1.75 18.61
C LEU B 186 31.12 1.67 19.53
N GLU B 187 30.92 1.93 20.82
CA GLU B 187 32.00 1.85 21.83
C GLU B 187 32.39 0.41 22.11
N VAL B 188 31.41 -0.50 22.06
CA VAL B 188 31.61 -1.93 22.24
C VAL B 188 32.28 -2.57 21.02
N LEU B 189 32.10 -1.95 19.85
CA LEU B 189 32.63 -2.46 18.59
C LEU B 189 34.10 -2.15 18.34
N GLY B 190 34.50 -0.90 18.56
CA GLY B 190 35.88 -0.45 18.31
C GLY B 190 36.28 -0.69 16.87
N ASN B 191 37.35 -1.46 16.68
N ASN B 191 37.35 -1.47 16.68
CA ASN B 191 37.86 -1.79 15.34
CA ASN B 191 37.87 -1.80 15.35
C ASN B 191 37.34 -3.10 14.76
C ASN B 191 37.34 -3.10 14.76
N SER B 192 36.27 -3.65 15.35
CA SER B 192 35.63 -4.90 14.88
C SER B 192 34.90 -4.71 13.57
N VAL B 193 34.51 -3.47 13.29
CA VAL B 193 33.87 -3.06 12.04
C VAL B 193 34.77 -2.05 11.32
N PRO B 194 34.64 -1.90 9.99
CA PRO B 194 35.42 -0.83 9.33
C PRO B 194 34.87 0.53 9.74
N GLN B 195 35.75 1.52 9.89
CA GLN B 195 35.37 2.87 10.33
C GLN B 195 34.31 3.53 9.43
N ARG B 196 34.47 3.38 8.10
CA ARG B 196 33.55 3.99 7.11
C ARG B 196 32.09 3.57 7.30
N SER B 197 31.88 2.27 7.48
CA SER B 197 30.54 1.68 7.61
C SER B 197 30.10 1.39 9.05
N ALA B 198 30.88 1.85 10.03
CA ALA B 198 30.65 1.59 11.46
C ALA B 198 29.19 1.77 11.92
N ARG B 199 28.56 2.86 11.48
CA ARG B 199 27.19 3.16 11.87
C ARG B 199 26.20 2.13 11.31
N PHE B 200 26.40 1.71 10.07
CA PHE B 200 25.57 0.69 9.43
C PHE B 200 25.52 -0.59 10.28
N TYR B 201 26.70 -1.11 10.62
CA TYR B 201 26.83 -2.33 11.40
C TYR B 201 26.25 -2.20 12.81
N ALA B 202 26.47 -1.05 13.44
CA ALA B 202 25.98 -0.78 14.79
C ALA B 202 24.46 -0.91 14.85
N ILE B 203 23.77 -0.24 13.92
CA ILE B 203 22.31 -0.27 13.79
C ILE B 203 21.82 -1.68 13.47
N LYS B 204 22.55 -2.37 12.59
CA LYS B 204 22.23 -3.75 12.19
C LYS B 204 22.35 -4.72 13.35
N LEU B 205 23.36 -4.51 14.19
CA LEU B 205 23.55 -5.31 15.40
C LEU B 205 22.44 -5.05 16.40
N PHE B 206 21.99 -3.80 16.50
CA PHE B 206 20.83 -3.43 17.31
C PHE B 206 19.61 -4.17 16.78
N GLU B 207 19.43 -4.17 15.45
CA GLU B 207 18.35 -4.89 14.76
C GLU B 207 18.41 -6.41 14.92
N GLN B 208 19.50 -6.91 15.52
CA GLN B 208 19.76 -8.34 15.73
C GLN B 208 19.72 -9.10 14.38
N ASP B 209 20.36 -8.50 13.39
CA ASP B 209 20.47 -9.00 12.02
C ASP B 209 21.43 -10.19 11.97
N SER B 210 20.96 -11.30 11.37
CA SER B 210 21.71 -12.56 11.24
C SER B 210 22.97 -12.45 10.41
N LEU B 211 22.85 -11.81 9.25
CA LEU B 211 23.95 -11.69 8.29
C LEU B 211 25.14 -10.91 8.83
N VAL B 212 24.88 -9.77 9.48
CA VAL B 212 25.91 -8.93 10.08
C VAL B 212 26.60 -9.65 11.24
N GLU B 213 25.80 -10.38 12.04
CA GLU B 213 26.31 -11.16 13.18
C GLU B 213 27.23 -12.31 12.77
N ALA B 214 26.94 -12.91 11.61
CA ALA B 214 27.73 -14.00 11.05
C ALA B 214 29.04 -13.49 10.45
N GLU B 215 28.97 -12.35 9.77
CA GLU B 215 30.11 -11.70 9.12
C GLU B 215 31.13 -11.12 10.10
N LEU B 216 30.66 -10.73 11.28
CA LEU B 216 31.51 -10.16 12.32
C LEU B 216 32.05 -11.23 13.26
N ASP B 217 33.25 -10.99 13.78
CA ASP B 217 33.92 -11.94 14.66
C ASP B 217 33.96 -11.35 16.08
N LEU B 218 32.75 -11.20 16.64
CA LEU B 218 32.57 -10.56 17.96
C LEU B 218 32.81 -11.54 19.10
N SER B 219 33.43 -11.01 20.16
CA SER B 219 33.72 -11.77 21.38
C SER B 219 32.48 -11.90 22.25
N GLN B 220 32.55 -12.82 23.22
CA GLN B 220 31.49 -13.05 24.21
C GLN B 220 31.20 -11.75 24.97
N PHE B 221 32.29 -11.08 25.35
CA PHE B 221 32.32 -9.80 26.04
C PHE B 221 31.62 -8.70 25.26
N GLN B 222 31.84 -8.69 23.94
CA GLN B 222 31.19 -7.75 23.04
C GLN B 222 29.70 -8.05 22.88
N ARG B 223 29.38 -9.34 22.73
CA ARG B 223 28.01 -9.78 22.50
C ARG B 223 27.15 -9.54 23.75
N LYS B 224 27.74 -9.76 24.93
CA LYS B 224 27.09 -9.54 26.23
C LYS B 224 26.61 -8.09 26.38
N GLU B 225 27.48 -7.13 26.10
CA GLU B 225 27.12 -5.71 26.20
C GLU B 225 26.16 -5.23 25.13
N ILE B 226 26.38 -5.64 23.88
CA ILE B 226 25.46 -5.30 22.80
C ILE B 226 24.03 -5.71 23.21
N GLU B 227 23.89 -6.94 23.72
CA GLU B 227 22.60 -7.45 24.22
C GLU B 227 22.05 -6.67 25.45
N ASP B 228 22.95 -6.18 26.30
CA ASP B 228 22.56 -5.31 27.43
C ASP B 228 22.02 -3.97 26.92
N ILE B 229 22.68 -3.42 25.91
CA ILE B 229 22.27 -2.18 25.25
C ILE B 229 20.90 -2.38 24.58
N ILE B 230 20.73 -3.50 23.86
CA ILE B 230 19.45 -3.83 23.21
C ILE B 230 18.32 -3.94 24.25
N ARG B 231 18.52 -4.73 25.30
CA ARG B 231 17.49 -4.96 26.34
C ARG B 231 17.03 -3.68 27.08
N ILE B 232 17.98 -2.81 27.42
CA ILE B 232 17.69 -1.54 28.11
C ILE B 232 16.92 -0.58 27.18
N THR B 233 17.41 -0.42 25.94
CA THR B 233 16.76 0.44 24.94
C THR B 233 15.33 -0.04 24.61
N GLU B 234 15.14 -1.36 24.56
CA GLU B 234 13.82 -1.97 24.36
C GLU B 234 12.87 -1.58 25.50
N GLU B 235 13.41 -1.58 26.72
CA GLU B 235 12.67 -1.22 27.92
C GLU B 235 12.37 0.30 27.95
N ILE B 236 13.30 1.10 27.45
CA ILE B 236 13.13 2.56 27.36
C ILE B 236 12.09 2.92 26.28
N PHE B 237 12.20 2.30 25.10
CA PHE B 237 11.24 2.51 24.01
C PHE B 237 9.88 1.80 24.17
N THR B 238 9.82 0.83 25.09
CA THR B 238 8.64 -0.07 25.30
C THR B 238 8.25 -0.79 23.99
N GLU B 239 9.27 -1.07 23.16
CA GLU B 239 9.12 -1.64 21.83
C GLU B 239 10.29 -2.59 21.58
N ASP B 240 10.08 -3.63 20.75
CA ASP B 240 11.18 -4.56 20.43
C ASP B 240 12.19 -3.89 19.49
N ALA B 241 13.45 -4.30 19.60
CA ALA B 241 14.61 -3.74 18.89
C ALA B 241 14.44 -3.49 17.38
N GLU B 242 14.00 -4.50 16.62
CA GLU B 242 13.83 -4.37 15.16
C GLU B 242 12.73 -3.37 14.78
N SER B 243 11.63 -3.37 15.54
CA SER B 243 10.54 -2.41 15.32
C SER B 243 10.99 -0.96 15.53
N ILE B 244 11.81 -0.72 16.54
CA ILE B 244 12.32 0.64 16.84
C ILE B 244 13.01 1.24 15.61
N VAL B 245 13.94 0.50 15.02
CA VAL B 245 14.71 0.94 13.84
C VAL B 245 13.82 1.13 12.60
N ILE B 246 12.94 0.16 12.32
CA ILE B 246 11.99 0.26 11.19
C ILE B 246 11.14 1.52 11.33
N ASN B 247 10.54 1.71 12.51
CA ASN B 247 9.71 2.90 12.79
C ASN B 247 10.51 4.20 12.79
N GLU B 248 11.79 4.13 13.15
CA GLU B 248 12.66 5.31 13.12
C GLU B 248 13.09 5.69 11.70
N ARG B 249 13.28 4.71 10.84
CA ARG B 249 13.56 4.95 9.42
C ARG B 249 12.33 5.57 8.75
N TYR B 250 11.17 4.93 8.89
CA TYR B 250 9.91 5.41 8.29
C TYR B 250 9.44 6.76 8.83
N ALA B 251 9.74 7.07 10.09
CA ALA B 251 9.44 8.39 10.65
C ALA B 251 10.35 9.46 10.04
N PHE B 252 11.64 9.14 9.85
CA PHE B 252 12.60 10.03 9.20
C PHE B 252 12.17 10.33 7.75
N ILE B 253 11.83 9.27 7.00
CA ILE B 253 11.38 9.38 5.60
C ILE B 253 10.08 10.19 5.49
N GLU B 254 9.13 9.92 6.39
CA GLU B 254 7.85 10.62 6.47
C GLU B 254 8.07 12.13 6.60
N ARG B 255 8.91 12.52 7.58
CA ARG B 255 9.27 13.92 7.85
C ARG B 255 9.93 14.59 6.65
N VAL B 256 10.82 13.84 5.98
CA VAL B 256 11.56 14.31 4.80
C VAL B 256 10.67 14.49 3.57
N CYS B 257 9.83 13.50 3.26
CA CYS B 257 8.92 13.54 2.12
C CYS B 257 7.84 14.62 2.24
N GLN B 258 7.39 14.88 3.46
CA GLN B 258 6.38 15.90 3.75
C GLN B 258 7.00 17.31 3.91
N MET B 259 7.97 17.63 3.05
CA MET B 259 8.62 18.94 3.02
C MET B 259 8.61 19.52 1.61
PG GNP C . -15.14 -1.48 13.56
O1G GNP C . -15.81 -1.87 12.30
O2G GNP C . -13.95 -2.51 13.92
O3G GNP C . -16.10 -1.59 14.83
N3B GNP C . -14.52 0.01 13.58
PB GNP C . -15.61 1.17 13.19
O1B GNP C . -16.00 1.11 11.75
O2B GNP C . -16.90 1.01 14.14
O3A GNP C . -14.87 2.58 13.48
PA GNP C . -15.08 3.53 14.77
O1A GNP C . -16.48 4.02 14.88
O2A GNP C . -14.67 2.63 16.06
O5' GNP C . -14.01 4.67 14.56
C5' GNP C . -12.61 4.33 14.38
C4' GNP C . -11.66 5.51 14.76
O4' GNP C . -11.79 6.55 13.75
C3' GNP C . -11.99 6.15 16.11
O3' GNP C . -10.77 6.53 16.76
C2' GNP C . -12.80 7.39 15.72
O2' GNP C . -12.66 8.40 16.71
C1' GNP C . -12.13 7.79 14.40
N9 GNP C . -13.05 8.47 13.45
C8 GNP C . -14.27 8.07 13.07
N7 GNP C . -14.78 8.94 12.21
C5 GNP C . -13.89 9.91 12.03
C6 GNP C . -13.88 11.07 11.25
O6 GNP C . -14.85 11.36 10.54
N1 GNP C . -12.76 11.91 11.28
C2 GNP C . -11.67 11.56 12.09
N2 GNP C . -10.60 12.34 12.12
N3 GNP C . -11.71 10.43 12.84
C4 GNP C . -12.77 9.61 12.82
MG MG D . -17.76 -0.40 15.08
PG GNP E . 16.07 -4.89 -11.70
O1G GNP E . 16.75 -4.43 -10.47
O2G GNP E . 15.09 -6.15 -11.39
O3G GNP E . 17.10 -5.48 -12.78
N3B GNP E . 15.14 -3.80 -12.47
PB GNP E . 15.84 -2.36 -12.85
O1B GNP E . 16.11 -1.51 -11.66
O2B GNP E . 17.22 -2.70 -13.64
O3A GNP E . 14.87 -1.60 -13.82
PA GNP E . 14.89 -1.64 -15.43
O1A GNP E . 16.11 -1.02 -16.00
O2A GNP E . 14.76 -3.22 -15.83
O5' GNP E . 13.57 -0.82 -15.74
C5' GNP E . 12.26 -1.27 -15.34
C4' GNP E . 11.15 -0.77 -16.32
O4' GNP E . 10.98 0.66 -16.13
C3' GNP E . 11.45 -0.97 -17.82
O3' GNP E . 10.23 -1.24 -18.50
C2' GNP E . 12.03 0.37 -18.25
O2' GNP E . 11.81 0.61 -19.64
C1' GNP E . 11.22 1.35 -17.40
N9 GNP E . 11.91 2.61 -17.02
C8 GNP E . 13.15 2.74 -16.52
N7 GNP E . 13.41 4.03 -16.31
C5 GNP E . 12.34 4.73 -16.66
C6 GNP E . 12.06 6.10 -16.65
O6 GNP E . 12.89 6.91 -16.25
N1 GNP E . 10.78 6.51 -17.10
C2 GNP E . 9.85 5.57 -17.55
N2 GNP E . 8.65 5.95 -17.98
N3 GNP E . 10.17 4.25 -17.55
C4 GNP E . 11.37 3.83 -17.11
MG MG F . 18.33 -4.28 -13.76
#